data_4Q57
#
_entry.id   4Q57
#
_cell.length_a   59.080
_cell.length_b   65.379
_cell.length_c   87.300
_cell.angle_alpha   90.00
_cell.angle_beta   90.00
_cell.angle_gamma   90.00
#
_symmetry.space_group_name_H-M   'P 21 21 21'
#
loop_
_entity.id
_entity.type
_entity.pdbx_description
1 polymer Calmodulin
2 polymer Plectin
3 non-polymer 'CALCIUM ION'
4 non-polymer 'MAGNESIUM ION'
5 non-polymer 'CHLORIDE ION'
6 non-polymer 1,2-ETHANEDIOL
7 non-polymer GLYCEROL
8 water water
#
loop_
_entity_poly.entity_id
_entity_poly.type
_entity_poly.pdbx_seq_one_letter_code
_entity_poly.pdbx_strand_id
1 'polypeptide(L)' IAEFKEAFSLFDKDGDGTITTKELGTVMRSLGQNPTEAELQDMINEVDADGNGTIDFPEFLTMMA A
2 'polypeptide(L)'
;GPMDNLYLAVLRASEGKKDERDRVQKKTFTKWVNKHLIKAQRHISDLYEDLRDGHNLISLLEVLSGDSLPREKGRMRFHK
LQNVQIALDYLRHRQVKLVNIRNDDIADGNPKLTLGLIWTIILHFQISDIQVSGQSEDMTAKEKLLLWSQRMVEGYQGLR
CDNFTTSWRDGRLFNAIIHRHKPMLIDMNKVYRQTNLENLDQAFSVAERDLGVTRLLDPEDVDVPQPDEKSIITYVSSLY
DAMP
;
B
#
# COMPACT_ATOMS: atom_id res chain seq x y z
N ILE A 1 -6.51 3.51 18.79
CA ILE A 1 -6.26 3.81 17.38
C ILE A 1 -5.75 2.57 16.64
N ALA A 2 -5.91 2.58 15.33
CA ALA A 2 -5.58 1.43 14.50
C ALA A 2 -4.08 1.27 14.33
N GLU A 3 -3.36 2.38 14.26
CA GLU A 3 -1.92 2.33 14.12
C GLU A 3 -1.30 1.61 15.31
N PHE A 4 -1.74 1.97 16.51
CA PHE A 4 -1.21 1.33 17.72
C PHE A 4 -1.60 -0.14 17.79
N LYS A 5 -2.76 -0.49 17.25
CA LYS A 5 -3.18 -1.88 17.28
C LYS A 5 -2.33 -2.72 16.31
N GLU A 6 -1.97 -2.14 15.16
CA GLU A 6 -1.07 -2.82 14.23
C GLU A 6 0.29 -3.06 14.90
N ALA A 7 0.78 -2.05 15.61
CA ALA A 7 2.07 -2.15 16.29
C ALA A 7 2.04 -3.22 17.39
N PHE A 8 0.93 -3.27 18.11
CA PHE A 8 0.74 -4.27 19.17
C PHE A 8 0.74 -5.67 18.58
N SER A 9 0.10 -5.83 17.44
CA SER A 9 -0.04 -7.14 16.82
C SER A 9 1.28 -7.68 16.30
N LEU A 10 2.25 -6.79 16.09
CA LEU A 10 3.58 -7.20 15.68
C LEU A 10 4.20 -8.05 16.79
N PHE A 11 3.83 -7.75 18.03
CA PHE A 11 4.39 -8.42 19.19
C PHE A 11 3.52 -9.57 19.68
N ASP A 12 2.21 -9.40 19.55
CA ASP A 12 1.28 -10.35 20.12
C ASP A 12 1.10 -11.55 19.19
N LYS A 13 2.09 -12.44 19.18
CA LYS A 13 2.16 -13.53 18.21
C LYS A 13 0.96 -14.47 18.28
N ASP A 14 0.49 -14.80 19.48
CA ASP A 14 -0.61 -15.74 19.62
C ASP A 14 -1.97 -15.04 19.67
N GLY A 15 -1.96 -13.72 19.55
CA GLY A 15 -3.19 -12.96 19.49
C GLY A 15 -4.09 -13.07 20.70
N ASP A 16 -3.50 -13.28 21.88
CA ASP A 16 -4.29 -13.42 23.09
C ASP A 16 -4.46 -12.08 23.81
N GLY A 17 -4.06 -11.01 23.14
CA GLY A 17 -4.22 -9.67 23.69
C GLY A 17 -3.17 -9.29 24.73
N THR A 18 -2.12 -10.10 24.85
CA THR A 18 -1.04 -9.77 25.79
C THR A 18 0.34 -10.01 25.18
N ILE A 19 1.33 -9.24 25.61
CA ILE A 19 2.71 -9.45 25.20
C ILE A 19 3.51 -10.03 26.37
N THR A 20 4.13 -11.18 26.16
CA THR A 20 4.99 -11.82 27.15
C THR A 20 6.46 -11.49 26.90
N THR A 21 7.33 -11.91 27.80
CA THR A 21 8.77 -11.73 27.56
C THR A 21 9.21 -12.50 26.31
N LYS A 22 8.65 -13.69 26.09
CA LYS A 22 9.06 -14.50 24.93
C LYS A 22 8.67 -13.82 23.64
N GLU A 23 7.46 -13.24 23.63
CA GLU A 23 6.98 -12.52 22.44
C GLU A 23 7.85 -11.30 22.17
N LEU A 24 8.20 -10.57 23.23
CA LEU A 24 9.09 -9.43 23.10
C LEU A 24 10.45 -9.85 22.55
N GLY A 25 11.03 -10.91 23.12
CA GLY A 25 12.34 -11.38 22.71
C GLY A 25 12.32 -11.85 21.27
N THR A 26 11.20 -12.43 20.88
CA THR A 26 11.02 -12.93 19.51
C THR A 26 11.14 -11.78 18.52
N VAL A 27 10.44 -10.69 18.79
CA VAL A 27 10.47 -9.54 17.89
C VAL A 27 11.87 -8.94 17.86
N MET A 28 12.47 -8.77 19.04
CA MET A 28 13.78 -8.14 19.12
C MET A 28 14.86 -8.95 18.43
N ARG A 29 14.81 -10.26 18.56
CA ARG A 29 15.74 -11.12 17.83
C ARG A 29 15.48 -11.04 16.32
N SER A 30 14.22 -10.90 15.93
CA SER A 30 13.89 -10.81 14.49
C SER A 30 14.44 -9.52 13.90
N LEU A 31 14.72 -8.55 14.76
CA LEU A 31 15.27 -7.26 14.34
C LEU A 31 16.76 -7.14 14.64
N GLY A 32 17.42 -8.28 14.80
CA GLY A 32 18.86 -8.32 14.96
C GLY A 32 19.39 -8.06 16.36
N GLN A 33 18.50 -7.92 17.34
CA GLN A 33 18.93 -7.69 18.73
C GLN A 33 19.01 -9.02 19.49
N ASN A 34 19.66 -9.02 20.64
CA ASN A 34 19.74 -10.24 21.42
C ASN A 34 19.63 -10.00 22.93
N PRO A 35 18.43 -9.63 23.39
CA PRO A 35 18.22 -9.31 24.79
C PRO A 35 18.27 -10.55 25.68
N THR A 36 18.74 -10.40 26.91
N THR A 36 18.74 -10.36 26.91
CA THR A 36 18.74 -11.50 27.85
CA THR A 36 18.73 -11.43 27.91
C THR A 36 17.38 -11.55 28.55
C THR A 36 17.35 -11.55 28.55
N GLU A 37 17.10 -12.67 29.20
CA GLU A 37 15.82 -12.87 29.89
C GLU A 37 15.57 -11.78 30.95
N ALA A 38 16.60 -11.47 31.74
CA ALA A 38 16.47 -10.43 32.75
C ALA A 38 16.18 -9.06 32.10
N GLU A 39 16.85 -8.77 31.00
CA GLU A 39 16.60 -7.55 30.24
C GLU A 39 15.14 -7.48 29.77
N LEU A 40 14.65 -8.57 29.19
CA LEU A 40 13.25 -8.65 28.75
C LEU A 40 12.28 -8.40 29.90
N GLN A 41 12.53 -9.03 31.04
CA GLN A 41 11.63 -8.86 32.17
C GLN A 41 11.62 -7.42 32.69
N ASP A 42 12.80 -6.79 32.75
CA ASP A 42 12.91 -5.38 33.11
C ASP A 42 12.07 -4.49 32.19
N MET A 43 12.13 -4.78 30.89
CA MET A 43 11.42 -3.98 29.91
C MET A 43 9.91 -4.07 30.12
N ILE A 44 9.44 -5.29 30.33
CA ILE A 44 8.02 -5.51 30.58
C ILE A 44 7.60 -4.89 31.91
N ASN A 45 8.40 -5.12 32.96
CA ASN A 45 8.05 -4.63 34.29
C ASN A 45 7.78 -3.13 34.30
N GLU A 46 8.61 -2.39 33.56
CA GLU A 46 8.53 -0.94 33.59
C GLU A 46 7.14 -0.39 33.26
N VAL A 47 6.46 -1.02 32.32
CA VAL A 47 5.16 -0.51 31.89
C VAL A 47 4.02 -1.46 32.24
N ASP A 48 4.33 -2.49 33.05
CA ASP A 48 3.34 -3.48 33.47
C ASP A 48 2.54 -2.94 34.66
N ALA A 49 1.63 -2.02 34.39
CA ALA A 49 0.92 -1.28 35.42
C ALA A 49 0.20 -2.16 36.43
N ASP A 50 -0.41 -3.26 36.00
CA ASP A 50 -1.18 -4.05 36.96
C ASP A 50 -0.34 -5.18 37.56
N GLY A 51 0.93 -5.24 37.15
CA GLY A 51 1.86 -6.18 37.75
C GLY A 51 1.65 -7.65 37.42
N ASN A 52 0.78 -7.94 36.46
CA ASN A 52 0.48 -9.34 36.19
C ASN A 52 1.54 -10.04 35.31
N GLY A 53 2.57 -9.31 34.89
CA GLY A 53 3.72 -9.90 34.21
C GLY A 53 3.70 -9.83 32.70
N THR A 54 2.58 -9.38 32.15
CA THR A 54 2.46 -9.23 30.68
C THR A 54 1.87 -7.87 30.37
N ILE A 55 1.99 -7.44 29.13
CA ILE A 55 1.48 -6.13 28.70
C ILE A 55 0.21 -6.30 27.87
N ASP A 56 -0.90 -5.72 28.33
CA ASP A 56 -2.13 -5.75 27.52
C ASP A 56 -2.23 -4.48 26.69
N PHE A 57 -3.27 -4.36 25.87
CA PHE A 57 -3.36 -3.19 25.00
C PHE A 57 -3.50 -1.86 25.76
N PRO A 58 -4.37 -1.81 26.80
CA PRO A 58 -4.43 -0.56 27.57
C PRO A 58 -3.07 -0.12 28.15
N GLU A 59 -2.28 -1.06 28.66
CA GLU A 59 -0.95 -0.73 29.18
C GLU A 59 -0.05 -0.27 28.03
N PHE A 60 -0.22 -0.90 26.88
CA PHE A 60 0.50 -0.54 25.67
C PHE A 60 0.18 0.91 25.25
N LEU A 61 -1.10 1.22 25.24
CA LEU A 61 -1.55 2.57 24.89
C LEU A 61 -0.95 3.62 25.82
N THR A 62 -0.98 3.36 27.12
CA THR A 62 -0.38 4.26 28.11
C THR A 62 1.09 4.51 27.80
N MET A 63 1.83 3.44 27.51
CA MET A 63 3.24 3.55 27.15
C MET A 63 3.46 4.44 25.92
N MET A 64 2.65 4.26 24.89
CA MET A 64 2.92 4.90 23.61
C MET A 64 2.38 6.33 23.56
N ALA A 65 1.54 6.70 24.53
CA ALA A 65 0.97 8.06 24.57
C ALA A 65 2.05 9.09 24.85
N GLY B 1 15.28 5.07 37.59
CA GLY B 1 14.03 5.51 36.98
C GLY B 1 13.76 4.74 35.70
N PRO B 2 12.64 5.06 35.03
CA PRO B 2 12.26 4.40 33.78
C PRO B 2 13.22 4.74 32.64
N MET B 3 13.44 3.78 31.75
CA MET B 3 14.41 3.94 30.69
C MET B 3 13.80 3.78 29.30
N ASP B 4 12.49 3.57 29.22
CA ASP B 4 11.82 3.53 27.91
C ASP B 4 12.26 2.43 26.96
N ASN B 5 12.78 1.32 27.48
CA ASN B 5 13.35 0.35 26.54
C ASN B 5 12.29 -0.44 25.77
N LEU B 6 11.14 -0.77 26.37
CA LEU B 6 10.07 -1.40 25.57
C LEU B 6 9.53 -0.42 24.54
N TYR B 7 9.32 0.83 24.96
CA TYR B 7 8.91 1.87 24.03
C TYR B 7 9.85 1.90 22.80
N LEU B 8 11.16 1.86 23.04
CA LEU B 8 12.12 1.94 21.92
C LEU B 8 12.06 0.69 21.04
N ALA B 9 11.78 -0.47 21.63
CA ALA B 9 11.64 -1.69 20.82
C ALA B 9 10.38 -1.62 19.95
N VAL B 10 9.30 -1.09 20.51
CA VAL B 10 8.07 -0.92 19.75
C VAL B 10 8.26 0.10 18.62
N LEU B 11 8.99 1.18 18.93
CA LEU B 11 9.30 2.20 17.93
C LEU B 11 10.10 1.61 16.78
N ARG B 12 11.10 0.81 17.11
CA ARG B 12 11.92 0.15 16.09
C ARG B 12 11.09 -0.78 15.19
N ALA B 13 10.26 -1.63 15.80
CA ALA B 13 9.45 -2.56 15.02
C ALA B 13 8.41 -1.82 14.18
N SER B 14 7.75 -0.84 14.79
CA SER B 14 6.70 -0.09 14.14
C SER B 14 7.24 0.76 12.99
N GLU B 15 8.37 1.44 13.23
CA GLU B 15 9.00 2.24 12.18
C GLU B 15 9.51 1.36 11.05
N GLY B 16 9.97 0.16 11.40
CA GLY B 16 10.43 -0.78 10.39
C GLY B 16 9.27 -1.14 9.47
N LYS B 17 8.12 -1.41 10.06
CA LYS B 17 6.95 -1.82 9.29
C LYS B 17 6.43 -0.67 8.43
N LYS B 18 6.42 0.53 9.00
CA LYS B 18 5.92 1.68 8.26
C LYS B 18 6.87 2.05 7.13
N ASP B 19 8.17 1.87 7.37
CA ASP B 19 9.15 2.19 6.32
C ASP B 19 9.06 1.19 5.18
N GLU B 20 8.81 -0.06 5.52
CA GLU B 20 8.65 -1.07 4.48
C GLU B 20 7.41 -0.80 3.64
N ARG B 21 6.33 -0.42 4.30
CA ARG B 21 5.09 -0.06 3.59
C ARG B 21 5.35 1.11 2.64
N ASP B 22 6.03 2.14 3.15
CA ASP B 22 6.34 3.30 2.32
C ASP B 22 7.16 2.91 1.10
N ARG B 23 8.14 2.02 1.31
CA ARG B 23 9.04 1.59 0.25
C ARG B 23 8.26 0.90 -0.88
N VAL B 24 7.35 0.02 -0.51
CA VAL B 24 6.59 -0.73 -1.50
C VAL B 24 5.59 0.18 -2.22
N GLN B 25 4.89 1.03 -1.47
CA GLN B 25 3.96 1.98 -2.09
C GLN B 25 4.69 2.95 -3.03
N LYS B 26 5.92 3.31 -2.65
CA LYS B 26 6.68 4.25 -3.47
C LYS B 26 6.92 3.65 -4.84
N LYS B 27 7.25 2.36 -4.89
CA LYS B 27 7.49 1.70 -6.16
C LYS B 27 6.20 1.63 -6.97
N THR B 28 5.12 1.21 -6.33
CA THR B 28 3.84 1.07 -7.02
C THR B 28 3.39 2.39 -7.61
N PHE B 29 3.42 3.43 -6.77
CA PHE B 29 2.89 4.73 -7.16
C PHE B 29 3.78 5.43 -8.19
N THR B 30 5.08 5.20 -8.10
CA THR B 30 5.99 5.77 -9.10
C THR B 30 5.67 5.19 -10.48
N LYS B 31 5.50 3.87 -10.54
CA LYS B 31 5.22 3.21 -11.82
C LYS B 31 3.87 3.66 -12.36
N TRP B 32 2.90 3.86 -11.47
CA TRP B 32 1.57 4.29 -11.89
C TRP B 32 1.63 5.70 -12.45
N VAL B 33 2.31 6.59 -11.74
CA VAL B 33 2.41 7.96 -12.19
C VAL B 33 3.12 8.00 -13.56
N ASN B 34 4.15 7.17 -13.72
CA ASN B 34 4.92 7.22 -14.96
C ASN B 34 4.16 6.66 -16.15
N LYS B 35 3.23 5.76 -15.88
CA LYS B 35 2.35 5.24 -16.92
C LYS B 35 1.60 6.37 -17.59
N HIS B 36 1.26 7.39 -16.80
CA HIS B 36 0.51 8.53 -17.32
C HIS B 36 1.43 9.67 -17.78
N LEU B 37 2.48 9.95 -17.01
CA LEU B 37 3.36 11.06 -17.36
C LEU B 37 4.04 10.88 -18.71
N ILE B 38 4.24 9.63 -19.13
CA ILE B 38 4.89 9.37 -20.41
C ILE B 38 4.12 10.04 -21.55
N LYS B 39 2.79 10.14 -21.38
CA LYS B 39 1.93 10.75 -22.40
C LYS B 39 2.15 12.26 -22.49
N ALA B 40 2.84 12.83 -21.51
CA ALA B 40 3.21 14.24 -21.50
C ALA B 40 4.72 14.38 -21.60
N GLN B 41 5.37 13.32 -22.08
CA GLN B 41 6.82 13.28 -22.24
C GLN B 41 7.54 13.62 -20.94
N ARG B 42 6.99 13.15 -19.82
CA ARG B 42 7.63 13.35 -18.52
C ARG B 42 7.83 11.99 -17.84
N HIS B 43 8.69 11.96 -16.83
CA HIS B 43 9.03 10.72 -16.15
C HIS B 43 9.63 11.03 -14.78
N ILE B 44 9.16 10.30 -13.77
CA ILE B 44 9.65 10.42 -12.39
C ILE B 44 10.74 9.42 -12.11
N SER B 45 11.86 9.85 -11.53
CA SER B 45 12.87 8.90 -11.04
C SER B 45 12.75 8.66 -9.55
N ASP B 46 12.47 9.71 -8.80
CA ASP B 46 12.37 9.63 -7.36
C ASP B 46 11.11 10.37 -6.93
N LEU B 47 10.10 9.62 -6.50
CA LEU B 47 8.81 10.21 -6.14
C LEU B 47 8.89 11.27 -5.03
N TYR B 48 9.91 11.22 -4.18
CA TYR B 48 10.04 12.17 -3.07
C TYR B 48 10.86 13.38 -3.44
N GLU B 49 11.36 13.43 -4.67
CA GLU B 49 12.06 14.62 -5.16
C GLU B 49 11.34 15.27 -6.33
N ASP B 50 10.80 14.44 -7.23
CA ASP B 50 10.41 14.92 -8.56
C ASP B 50 9.00 15.47 -8.65
N LEU B 51 8.28 15.50 -7.52
CA LEU B 51 6.98 16.17 -7.42
C LEU B 51 7.06 17.47 -6.62
N ARG B 52 8.21 17.76 -6.04
CA ARG B 52 8.33 18.90 -5.13
C ARG B 52 7.98 20.25 -5.75
N ASP B 53 8.24 20.43 -7.05
CA ASP B 53 8.07 21.78 -7.60
C ASP B 53 6.73 21.98 -8.30
N GLY B 54 5.89 20.96 -8.20
CA GLY B 54 4.51 21.03 -8.67
C GLY B 54 4.29 20.71 -10.15
N HIS B 55 5.34 20.79 -10.98
CA HIS B 55 5.15 20.68 -12.42
C HIS B 55 4.69 19.31 -12.88
N ASN B 56 5.29 18.25 -12.33
CA ASN B 56 4.87 16.91 -12.72
C ASN B 56 3.49 16.57 -12.20
N LEU B 57 3.13 17.09 -11.03
N LEU B 57 3.16 17.12 -11.03
CA LEU B 57 1.79 16.86 -10.50
CA LEU B 57 1.84 16.94 -10.44
C LEU B 57 0.73 17.53 -11.38
C LEU B 57 0.75 17.54 -11.32
N ILE B 58 1.00 18.76 -11.79
CA ILE B 58 0.06 19.44 -12.69
C ILE B 58 -0.06 18.66 -14.00
N SER B 59 1.06 18.26 -14.58
CA SER B 59 1.03 17.46 -15.81
C SER B 59 0.27 16.14 -15.65
N LEU B 60 0.50 15.46 -14.53
CA LEU B 60 -0.23 14.24 -14.21
C LEU B 60 -1.73 14.49 -14.23
N LEU B 61 -2.17 15.57 -13.58
CA LEU B 61 -3.60 15.85 -13.54
C LEU B 61 -4.13 16.20 -14.93
N GLU B 62 -3.33 16.90 -15.74
CA GLU B 62 -3.75 17.25 -17.08
C GLU B 62 -3.93 16.01 -17.96
N VAL B 63 -3.01 15.06 -17.84
CA VAL B 63 -3.15 13.80 -18.57
C VAL B 63 -4.38 13.02 -18.13
N LEU B 64 -4.57 12.89 -16.82
CA LEU B 64 -5.68 12.08 -16.29
C LEU B 64 -7.05 12.66 -16.65
N SER B 65 -7.14 13.98 -16.70
CA SER B 65 -8.42 14.66 -16.85
C SER B 65 -8.71 15.18 -18.25
N GLY B 66 -7.66 15.44 -19.02
CA GLY B 66 -7.82 16.09 -20.30
C GLY B 66 -8.05 17.58 -20.15
N ASP B 67 -7.88 18.10 -18.93
CA ASP B 67 -8.09 19.52 -18.69
C ASP B 67 -6.79 20.30 -18.81
N SER B 68 -6.91 21.61 -18.99
CA SER B 68 -5.78 22.52 -18.94
C SER B 68 -5.74 23.17 -17.55
N LEU B 69 -4.60 23.09 -16.87
CA LEU B 69 -4.47 23.71 -15.54
C LEU B 69 -3.57 24.92 -15.62
N PRO B 70 -3.75 25.89 -14.71
CA PRO B 70 -2.78 26.97 -14.63
C PRO B 70 -1.42 26.42 -14.22
N ARG B 71 -0.38 27.22 -14.39
CA ARG B 71 0.96 26.76 -14.04
C ARG B 71 1.85 27.97 -13.82
N GLU B 72 2.50 28.04 -12.66
CA GLU B 72 3.47 29.10 -12.35
C GLU B 72 4.82 28.84 -12.99
N LYS B 73 5.38 29.84 -13.67
CA LYS B 73 6.66 29.66 -14.34
C LYS B 73 7.86 30.11 -13.50
N GLY B 74 7.61 30.81 -12.39
CA GLY B 74 8.67 31.25 -11.49
C GLY B 74 9.48 30.10 -10.90
N ARG B 75 10.72 30.38 -10.51
CA ARG B 75 11.64 29.29 -10.14
C ARG B 75 11.98 29.24 -8.65
N MET B 76 11.42 30.16 -7.87
CA MET B 76 11.73 30.22 -6.44
C MET B 76 10.84 29.31 -5.59
N ARG B 77 11.17 29.14 -4.31
CA ARG B 77 10.35 28.30 -3.45
C ARG B 77 8.91 28.83 -3.39
N PHE B 78 8.77 30.15 -3.39
CA PHE B 78 7.44 30.78 -3.42
C PHE B 78 6.60 30.22 -4.58
N HIS B 79 7.19 30.12 -5.76
CA HIS B 79 6.48 29.62 -6.92
C HIS B 79 6.22 28.12 -6.86
N LYS B 80 7.15 27.34 -6.32
CA LYS B 80 6.91 25.92 -6.16
C LYS B 80 5.73 25.65 -5.24
N LEU B 81 5.62 26.42 -4.15
CA LEU B 81 4.50 26.26 -3.22
C LEU B 81 3.17 26.61 -3.91
N GLN B 82 3.18 27.69 -4.68
CA GLN B 82 2.00 28.10 -5.45
C GLN B 82 1.63 27.03 -6.47
N ASN B 83 2.66 26.51 -7.13
CA ASN B 83 2.47 25.50 -8.16
C ASN B 83 1.85 24.21 -7.63
N VAL B 84 2.40 23.73 -6.53
CA VAL B 84 1.82 22.60 -5.87
C VAL B 84 0.36 22.91 -5.50
N GLN B 85 0.10 24.11 -5.00
CA GLN B 85 -1.26 24.43 -4.54
C GLN B 85 -2.26 24.42 -5.69
N ILE B 86 -1.80 24.76 -6.89
CA ILE B 86 -2.64 24.69 -8.09
C ILE B 86 -3.20 23.27 -8.24
N ALA B 87 -2.33 22.28 -8.09
CA ALA B 87 -2.75 20.88 -8.20
C ALA B 87 -3.73 20.50 -7.08
N LEU B 88 -3.42 20.90 -5.86
CA LEU B 88 -4.28 20.58 -4.73
C LEU B 88 -5.65 21.23 -4.91
N ASP B 89 -5.67 22.48 -5.38
CA ASP B 89 -6.93 23.19 -5.53
C ASP B 89 -7.77 22.53 -6.62
N TYR B 90 -7.12 22.06 -7.68
CA TYR B 90 -7.84 21.36 -8.74
C TYR B 90 -8.59 20.17 -8.17
N LEU B 91 -7.90 19.40 -7.33
CA LEU B 91 -8.49 18.23 -6.70
C LEU B 91 -9.57 18.60 -5.70
N ARG B 92 -9.32 19.63 -4.89
CA ARG B 92 -10.28 20.03 -3.86
C ARG B 92 -11.58 20.48 -4.51
N HIS B 93 -11.48 21.14 -5.65
CA HIS B 93 -12.69 21.57 -6.37
C HIS B 93 -13.52 20.38 -6.78
N ARG B 94 -12.85 19.27 -7.08
CA ARG B 94 -13.54 18.05 -7.50
C ARG B 94 -13.93 17.19 -6.28
N GLN B 95 -13.91 17.79 -5.10
CA GLN B 95 -14.34 17.17 -3.85
C GLN B 95 -13.43 16.01 -3.43
N VAL B 96 -12.19 16.04 -3.89
CA VAL B 96 -11.23 15.04 -3.50
C VAL B 96 -10.71 15.35 -2.10
N LYS B 97 -10.81 14.39 -1.19
CA LYS B 97 -10.33 14.61 0.18
C LYS B 97 -8.81 14.45 0.28
N LEU B 98 -8.17 15.44 0.89
CA LEU B 98 -6.73 15.55 0.95
C LEU B 98 -6.31 15.88 2.37
N VAL B 99 -6.81 15.10 3.33
CA VAL B 99 -6.59 15.39 4.73
C VAL B 99 -5.11 15.52 5.06
N ASN B 100 -4.74 16.67 5.66
CA ASN B 100 -3.37 16.96 6.10
C ASN B 100 -2.33 17.07 4.99
N ILE B 101 -2.77 16.98 3.73
CA ILE B 101 -1.80 17.15 2.66
C ILE B 101 -1.71 18.63 2.26
N ARG B 102 -0.59 19.26 2.61
CA ARG B 102 -0.40 20.69 2.36
C ARG B 102 0.62 20.90 1.26
N ASN B 103 0.59 22.09 0.63
CA ASN B 103 1.60 22.37 -0.37
C ASN B 103 3.00 22.31 0.23
N ASP B 104 3.17 22.69 1.50
CA ASP B 104 4.46 22.58 2.16
C ASP B 104 4.98 21.14 2.21
N ASP B 105 4.10 20.18 2.46
CA ASP B 105 4.54 18.81 2.64
C ASP B 105 5.02 18.21 1.32
N ILE B 106 4.36 18.56 0.23
CA ILE B 106 4.75 18.08 -1.09
C ILE B 106 6.06 18.77 -1.50
N ALA B 107 6.14 20.07 -1.26
CA ALA B 107 7.35 20.81 -1.60
C ALA B 107 8.54 20.37 -0.77
N ASP B 108 8.29 19.82 0.42
CA ASP B 108 9.37 19.32 1.29
C ASP B 108 9.69 17.85 1.04
N GLY B 109 8.94 17.19 0.15
CA GLY B 109 9.18 15.79 -0.16
C GLY B 109 8.82 14.83 0.97
N ASN B 110 7.80 15.17 1.75
CA ASN B 110 7.38 14.32 2.86
C ASN B 110 6.90 12.96 2.33
N PRO B 111 7.53 11.86 2.78
CA PRO B 111 7.16 10.56 2.18
C PRO B 111 5.68 10.19 2.38
N LYS B 112 5.21 10.22 3.63
CA LYS B 112 3.84 9.76 3.90
C LYS B 112 2.79 10.57 3.15
N LEU B 113 2.96 11.89 3.13
CA LEU B 113 1.93 12.73 2.53
C LEU B 113 2.08 12.79 1.00
N THR B 114 3.29 12.56 0.49
CA THR B 114 3.46 12.47 -0.97
C THR B 114 2.84 11.17 -1.48
N LEU B 115 3.11 10.05 -0.80
CA LEU B 115 2.43 8.79 -1.10
C LEU B 115 0.92 8.96 -1.00
N GLY B 116 0.48 9.60 0.08
CA GLY B 116 -0.94 9.82 0.30
C GLY B 116 -1.61 10.61 -0.82
N LEU B 117 -0.91 11.62 -1.32
CA LEU B 117 -1.44 12.41 -2.44
C LEU B 117 -1.63 11.54 -3.69
N ILE B 118 -0.62 10.74 -4.05
CA ILE B 118 -0.80 9.88 -5.22
C ILE B 118 -1.94 8.87 -5.01
N TRP B 119 -2.04 8.30 -3.82
CA TRP B 119 -3.14 7.38 -3.51
C TRP B 119 -4.51 8.03 -3.73
N THR B 120 -4.69 9.27 -3.26
N THR B 120 -4.63 9.26 -3.26
CA THR B 120 -6.01 9.90 -3.44
CA THR B 120 -5.87 10.01 -3.41
C THR B 120 -6.29 10.15 -4.92
C THR B 120 -6.25 10.19 -4.87
N ILE B 121 -5.23 10.42 -5.68
CA ILE B 121 -5.37 10.62 -7.12
C ILE B 121 -5.75 9.30 -7.82
N ILE B 122 -5.06 8.21 -7.47
CA ILE B 122 -5.42 6.89 -7.98
C ILE B 122 -6.87 6.52 -7.63
N LEU B 123 -7.26 6.78 -6.40
CA LEU B 123 -8.61 6.49 -5.95
C LEU B 123 -9.64 7.26 -6.75
N HIS B 124 -9.40 8.55 -6.91
CA HIS B 124 -10.35 9.42 -7.60
C HIS B 124 -10.45 9.08 -9.09
N PHE B 125 -9.32 8.91 -9.77
CA PHE B 125 -9.37 8.78 -11.24
C PHE B 125 -9.57 7.37 -11.74
N GLN B 126 -9.08 6.39 -10.99
CA GLN B 126 -9.09 5.04 -11.50
C GLN B 126 -10.01 4.11 -10.73
N ILE B 127 -9.84 4.07 -9.42
CA ILE B 127 -10.53 3.06 -8.62
C ILE B 127 -12.01 3.38 -8.46
N SER B 128 -12.32 4.66 -8.36
CA SER B 128 -13.70 5.12 -8.13
C SER B 128 -14.64 4.88 -9.32
N ASP B 129 -14.07 4.50 -10.46
CA ASP B 129 -14.87 4.33 -11.68
C ASP B 129 -15.74 3.10 -11.68
N ILE B 130 -15.31 2.08 -10.96
CA ILE B 130 -15.82 0.74 -11.13
C ILE B 130 -17.31 0.58 -10.85
N GLN B 131 -17.98 -0.16 -11.73
CA GLN B 131 -19.31 -0.68 -11.46
C GLN B 131 -19.32 -2.17 -11.80
N VAL B 132 -20.07 -2.95 -11.03
CA VAL B 132 -20.03 -4.41 -11.12
C VAL B 132 -21.43 -4.98 -11.08
N SER B 133 -21.72 -5.95 -11.94
CA SER B 133 -23.03 -6.59 -11.90
C SER B 133 -23.20 -7.33 -10.58
N GLY B 134 -24.28 -7.04 -9.88
CA GLY B 134 -24.56 -7.64 -8.59
C GLY B 134 -24.29 -6.71 -7.42
N GLN B 135 -23.74 -5.53 -7.69
CA GLN B 135 -23.34 -4.61 -6.63
C GLN B 135 -24.52 -4.12 -5.81
N SER B 136 -24.33 -4.04 -4.50
CA SER B 136 -25.35 -3.51 -3.59
C SER B 136 -25.38 -1.99 -3.70
N GLU B 137 -26.14 -1.36 -2.81
CA GLU B 137 -26.51 0.04 -3.00
C GLU B 137 -25.38 1.00 -2.61
N ASP B 138 -25.06 1.05 -1.32
CA ASP B 138 -24.04 1.97 -0.84
C ASP B 138 -22.70 1.27 -0.71
N MET B 139 -22.45 0.32 -1.61
CA MET B 139 -21.13 -0.31 -1.70
C MET B 139 -20.08 0.74 -2.07
N THR B 140 -18.93 0.69 -1.42
CA THR B 140 -17.82 1.55 -1.81
C THR B 140 -17.18 1.00 -3.08
N ALA B 141 -16.33 1.81 -3.72
CA ALA B 141 -15.61 1.36 -4.91
C ALA B 141 -14.73 0.16 -4.56
N LYS B 142 -14.06 0.22 -3.42
CA LYS B 142 -13.24 -0.87 -2.95
C LYS B 142 -14.06 -2.16 -2.81
N GLU B 143 -15.24 -2.03 -2.22
CA GLU B 143 -16.13 -3.19 -2.06
C GLU B 143 -16.60 -3.75 -3.40
N LYS B 144 -16.83 -2.86 -4.37
CA LYS B 144 -17.23 -3.30 -5.70
C LYS B 144 -16.09 -4.03 -6.39
N LEU B 145 -14.87 -3.53 -6.24
CA LEU B 145 -13.72 -4.20 -6.84
C LEU B 145 -13.48 -5.56 -6.19
N LEU B 146 -13.76 -5.67 -4.90
CA LEU B 146 -13.60 -6.96 -4.25
C LEU B 146 -14.66 -7.94 -4.77
N LEU B 147 -15.89 -7.45 -4.95
CA LEU B 147 -16.95 -8.28 -5.54
C LEU B 147 -16.59 -8.74 -6.95
N TRP B 148 -16.07 -7.83 -7.76
CA TRP B 148 -15.63 -8.18 -9.12
C TRP B 148 -14.59 -9.28 -9.08
N SER B 149 -13.58 -9.12 -8.23
CA SER B 149 -12.53 -10.12 -8.07
C SER B 149 -13.09 -11.48 -7.67
N GLN B 150 -14.04 -11.46 -6.74
CA GLN B 150 -14.68 -12.69 -6.28
C GLN B 150 -15.44 -13.38 -7.41
N ARG B 151 -16.18 -12.60 -8.20
CA ARG B 151 -16.94 -13.16 -9.33
C ARG B 151 -16.01 -13.76 -10.39
N MET B 152 -14.89 -13.09 -10.65
CA MET B 152 -13.97 -13.55 -11.68
C MET B 152 -13.33 -14.90 -11.35
N VAL B 153 -13.15 -15.20 -10.06
CA VAL B 153 -12.47 -16.44 -9.68
C VAL B 153 -13.40 -17.54 -9.17
N GLU B 154 -14.70 -17.35 -9.32
CA GLU B 154 -15.64 -18.45 -9.05
C GLU B 154 -15.37 -19.60 -10.00
N GLY B 155 -15.53 -20.82 -9.50
CA GLY B 155 -15.31 -22.00 -10.32
C GLY B 155 -13.88 -22.51 -10.30
N TYR B 156 -12.96 -21.71 -9.77
CA TYR B 156 -11.56 -22.15 -9.65
C TYR B 156 -11.36 -22.83 -8.32
N GLN B 157 -10.95 -24.09 -8.38
CA GLN B 157 -10.71 -24.93 -7.21
C GLN B 157 -9.74 -24.30 -6.23
N GLY B 158 -10.17 -24.19 -4.97
CA GLY B 158 -9.28 -23.80 -3.90
C GLY B 158 -8.85 -22.35 -3.87
N LEU B 159 -9.46 -21.50 -4.70
CA LEU B 159 -9.15 -20.09 -4.69
C LEU B 159 -10.19 -19.32 -3.88
N ARG B 160 -9.73 -18.39 -3.05
CA ARG B 160 -10.61 -17.53 -2.27
C ARG B 160 -10.16 -16.10 -2.40
N CYS B 161 -11.11 -15.18 -2.56
CA CYS B 161 -10.77 -13.76 -2.51
C CYS B 161 -11.50 -13.11 -1.34
N ASP B 162 -10.81 -13.01 -0.21
CA ASP B 162 -11.40 -12.50 1.03
C ASP B 162 -11.04 -11.06 1.34
N ASN B 163 -10.00 -10.56 0.67
CA ASN B 163 -9.45 -9.25 0.99
C ASN B 163 -8.54 -8.78 -0.14
N PHE B 164 -7.90 -7.62 0.03
CA PHE B 164 -6.92 -7.16 -0.92
C PHE B 164 -5.51 -7.23 -0.32
N THR B 165 -5.28 -8.21 0.54
CA THR B 165 -3.93 -8.43 1.06
C THR B 165 -3.53 -9.91 0.94
N THR B 166 -3.74 -10.69 1.99
CA THR B 166 -3.26 -12.08 2.02
C THR B 166 -3.83 -12.97 0.90
N SER B 167 -5.05 -12.70 0.44
CA SER B 167 -5.65 -13.54 -0.58
C SER B 167 -4.84 -13.56 -1.86
N TRP B 168 -4.06 -12.50 -2.09
CA TRP B 168 -3.35 -12.31 -3.35
C TRP B 168 -1.89 -12.74 -3.35
N ARG B 169 -1.36 -13.13 -2.19
CA ARG B 169 0.08 -13.31 -2.08
C ARG B 169 0.65 -14.44 -2.93
N ASP B 170 -0.12 -15.49 -3.21
CA ASP B 170 0.50 -16.67 -3.83
C ASP B 170 0.37 -16.61 -5.34
N GLY B 171 -0.19 -15.51 -5.84
CA GLY B 171 -0.30 -15.29 -7.27
C GLY B 171 -1.38 -16.05 -8.03
N ARG B 172 -2.07 -16.95 -7.35
N ARG B 172 -2.06 -16.97 -7.36
CA ARG B 172 -3.06 -17.77 -8.06
CA ARG B 172 -3.09 -17.76 -8.05
C ARG B 172 -4.32 -16.98 -8.43
C ARG B 172 -4.25 -16.89 -8.49
N LEU B 173 -4.71 -16.00 -7.62
CA LEU B 173 -5.82 -15.11 -7.98
C LEU B 173 -5.51 -14.29 -9.24
N PHE B 174 -4.32 -13.70 -9.33
CA PHE B 174 -3.98 -12.89 -10.51
C PHE B 174 -4.05 -13.75 -11.77
N ASN B 175 -3.53 -14.97 -11.71
CA ASN B 175 -3.58 -15.85 -12.87
C ASN B 175 -5.00 -16.28 -13.24
N ALA B 176 -5.81 -16.58 -12.23
CA ALA B 176 -7.18 -17.02 -12.48
C ALA B 176 -7.99 -15.92 -13.15
N ILE B 177 -7.76 -14.67 -12.74
CA ILE B 177 -8.51 -13.57 -13.31
C ILE B 177 -8.14 -13.40 -14.79
N ILE B 178 -6.86 -13.48 -15.10
CA ILE B 178 -6.43 -13.39 -16.49
C ILE B 178 -6.99 -14.57 -17.31
N HIS B 179 -6.94 -15.77 -16.75
CA HIS B 179 -7.45 -16.96 -17.42
C HIS B 179 -8.95 -16.84 -17.68
N ARG B 180 -9.71 -16.31 -16.73
CA ARG B 180 -11.14 -16.14 -16.94
C ARG B 180 -11.39 -15.24 -18.15
N HIS B 181 -10.54 -14.23 -18.32
CA HIS B 181 -10.69 -13.24 -19.40
C HIS B 181 -10.27 -13.83 -20.75
N LYS B 182 -9.10 -14.46 -20.78
CA LYS B 182 -8.56 -15.07 -22.00
C LYS B 182 -7.80 -16.36 -21.66
N PRO B 183 -8.53 -17.48 -21.65
CA PRO B 183 -7.98 -18.75 -21.15
C PRO B 183 -6.75 -19.20 -21.93
N MET B 184 -6.61 -18.84 -23.20
CA MET B 184 -5.39 -19.24 -23.95
C MET B 184 -4.11 -18.62 -23.37
N LEU B 185 -4.23 -17.60 -22.53
CA LEU B 185 -3.05 -16.90 -22.03
C LEU B 185 -2.41 -17.57 -20.82
N ILE B 186 -3.16 -18.43 -20.14
CA ILE B 186 -2.77 -18.96 -18.84
C ILE B 186 -2.93 -20.47 -18.78
N ASP B 187 -1.89 -21.18 -18.38
CA ASP B 187 -1.98 -22.61 -18.15
C ASP B 187 -2.22 -22.85 -16.67
N MET B 188 -3.47 -23.15 -16.29
CA MET B 188 -3.77 -23.24 -14.88
C MET B 188 -3.14 -24.47 -14.24
N ASN B 189 -2.84 -25.50 -15.04
CA ASN B 189 -2.12 -26.63 -14.47
C ASN B 189 -0.77 -26.17 -13.91
N LYS B 190 -0.07 -25.36 -14.70
CA LYS B 190 1.20 -24.78 -14.24
C LYS B 190 1.00 -23.92 -13.00
N VAL B 191 -0.05 -23.11 -13.02
CA VAL B 191 -0.34 -22.22 -11.88
C VAL B 191 -0.46 -23.04 -10.59
N TYR B 192 -1.25 -24.11 -10.63
CA TYR B 192 -1.42 -24.93 -9.43
C TYR B 192 -0.13 -25.60 -8.95
N ARG B 193 0.81 -25.84 -9.85
CA ARG B 193 2.04 -26.56 -9.48
C ARG B 193 3.22 -25.63 -9.15
N GLN B 194 3.08 -24.35 -9.43
CA GLN B 194 4.19 -23.40 -9.32
C GLN B 194 4.30 -22.73 -7.95
N THR B 195 5.49 -22.16 -7.69
CA THR B 195 5.74 -21.38 -6.48
C THR B 195 5.01 -20.04 -6.57
N ASN B 196 4.92 -19.37 -5.43
CA ASN B 196 4.28 -18.05 -5.38
C ASN B 196 4.97 -17.06 -6.30
N LEU B 197 6.29 -16.98 -6.22
CA LEU B 197 7.03 -16.02 -7.04
C LEU B 197 6.89 -16.32 -8.54
N GLU B 198 6.92 -17.61 -8.92
CA GLU B 198 6.71 -17.97 -10.33
C GLU B 198 5.32 -17.52 -10.80
N ASN B 199 4.31 -17.77 -9.98
CA ASN B 199 2.95 -17.39 -10.36
C ASN B 199 2.78 -15.87 -10.50
N LEU B 200 3.36 -15.13 -9.56
CA LEU B 200 3.28 -13.68 -9.59
C LEU B 200 4.00 -13.12 -10.80
N ASP B 201 5.22 -13.57 -11.01
CA ASP B 201 6.03 -13.12 -12.14
C ASP B 201 5.27 -13.38 -13.44
N GLN B 202 4.75 -14.59 -13.58
CA GLN B 202 4.05 -14.95 -14.82
C GLN B 202 2.78 -14.14 -15.03
N ALA B 203 1.98 -13.95 -13.99
CA ALA B 203 0.75 -13.17 -14.15
C ALA B 203 1.08 -11.76 -14.57
N PHE B 204 2.08 -11.17 -13.94
CA PHE B 204 2.43 -9.77 -14.23
C PHE B 204 2.96 -9.67 -15.65
N SER B 205 3.75 -10.66 -16.06
N SER B 205 3.76 -10.66 -16.05
CA SER B 205 4.33 -10.66 -17.40
CA SER B 205 4.33 -10.68 -17.39
C SER B 205 3.26 -10.79 -18.49
C SER B 205 3.26 -10.79 -18.48
N VAL B 206 2.33 -11.72 -18.30
CA VAL B 206 1.25 -11.93 -19.27
C VAL B 206 0.33 -10.73 -19.35
N ALA B 207 -0.02 -10.16 -18.21
CA ALA B 207 -0.88 -8.99 -18.21
C ALA B 207 -0.22 -7.83 -18.96
N GLU B 208 1.09 -7.67 -18.81
CA GLU B 208 1.74 -6.56 -19.51
C GLU B 208 1.84 -6.82 -21.01
N ARG B 209 2.35 -7.99 -21.37
CA ARG B 209 2.61 -8.35 -22.74
C ARG B 209 1.31 -8.44 -23.54
N ASP B 210 0.30 -9.08 -22.95
CA ASP B 210 -0.91 -9.46 -23.70
C ASP B 210 -2.14 -8.59 -23.42
N LEU B 211 -2.21 -7.97 -22.25
CA LEU B 211 -3.37 -7.14 -21.90
C LEU B 211 -3.04 -5.65 -21.78
N GLY B 212 -1.77 -5.32 -21.98
CA GLY B 212 -1.31 -3.93 -21.91
C GLY B 212 -1.32 -3.32 -20.51
N VAL B 213 -1.28 -4.16 -19.49
CA VAL B 213 -1.32 -3.70 -18.11
C VAL B 213 0.10 -3.55 -17.57
N THR B 214 0.50 -2.31 -17.32
N THR B 214 0.56 -2.32 -17.37
CA THR B 214 1.79 -1.96 -16.69
CA THR B 214 1.94 -2.17 -16.96
C THR B 214 2.13 -2.84 -15.48
C THR B 214 2.17 -2.78 -15.58
N ARG B 215 3.33 -3.41 -15.45
CA ARG B 215 3.75 -4.11 -14.22
C ARG B 215 3.99 -3.10 -13.13
N LEU B 216 3.07 -2.98 -12.19
CA LEU B 216 3.21 -2.02 -11.08
C LEU B 216 3.89 -2.65 -9.89
N LEU B 217 3.79 -3.97 -9.80
CA LEU B 217 4.22 -4.71 -8.61
C LEU B 217 5.38 -5.64 -8.86
N ASP B 218 6.33 -5.70 -7.94
N ASP B 218 6.25 -5.72 -7.86
CA ASP B 218 7.41 -6.70 -8.01
CA ASP B 218 7.34 -6.67 -7.78
C ASP B 218 7.02 -7.92 -7.19
C ASP B 218 6.80 -7.97 -7.16
N PRO B 219 7.06 -9.12 -7.79
CA PRO B 219 6.70 -10.38 -7.10
C PRO B 219 7.28 -10.50 -5.68
N GLU B 220 8.52 -10.09 -5.47
CA GLU B 220 9.12 -10.23 -4.14
C GLU B 220 8.44 -9.38 -3.07
N ASP B 221 7.73 -8.32 -3.48
CA ASP B 221 7.01 -7.48 -2.53
C ASP B 221 5.61 -7.99 -2.24
N VAL B 222 5.11 -8.88 -3.10
CA VAL B 222 3.77 -9.41 -2.96
C VAL B 222 3.77 -10.78 -2.25
N ASP B 223 4.83 -11.57 -2.47
CA ASP B 223 4.93 -12.90 -1.85
C ASP B 223 5.44 -12.74 -0.43
N VAL B 224 4.63 -12.09 0.41
CA VAL B 224 4.99 -11.79 1.80
C VAL B 224 3.77 -12.06 2.67
N PRO B 225 3.95 -12.18 4.00
CA PRO B 225 2.79 -12.48 4.84
C PRO B 225 1.67 -11.45 4.75
N GLN B 226 2.02 -10.18 4.60
CA GLN B 226 1.01 -9.13 4.52
C GLN B 226 1.28 -8.17 3.36
N PRO B 227 0.79 -8.52 2.16
CA PRO B 227 0.95 -7.66 0.98
C PRO B 227 0.34 -6.28 1.23
N ASP B 228 0.88 -5.28 0.59
CA ASP B 228 0.38 -3.91 0.74
C ASP B 228 -0.96 -3.73 0.05
N GLU B 229 -1.98 -3.34 0.82
CA GLU B 229 -3.34 -3.30 0.31
C GLU B 229 -3.52 -2.27 -0.81
N LYS B 230 -3.02 -1.04 -0.60
CA LYS B 230 -3.14 -0.02 -1.63
C LYS B 230 -2.51 -0.45 -2.94
N SER B 231 -1.35 -1.09 -2.84
CA SER B 231 -0.65 -1.58 -4.02
C SER B 231 -1.45 -2.65 -4.77
N ILE B 232 -1.95 -3.62 -4.03
CA ILE B 232 -2.81 -4.65 -4.60
C ILE B 232 -4.04 -4.02 -5.30
N ILE B 233 -4.76 -3.16 -4.58
CA ILE B 233 -5.95 -2.54 -5.14
C ILE B 233 -5.66 -1.78 -6.43
N THR B 234 -4.57 -1.04 -6.44
CA THR B 234 -4.16 -0.29 -7.64
C THR B 234 -3.98 -1.22 -8.83
N TYR B 235 -3.28 -2.32 -8.60
CA TYR B 235 -3.00 -3.23 -9.70
C TYR B 235 -4.26 -4.01 -10.14
N VAL B 236 -5.06 -4.44 -9.17
CA VAL B 236 -6.29 -5.19 -9.50
C VAL B 236 -7.24 -4.30 -10.29
N SER B 237 -7.37 -3.05 -9.86
N SER B 237 -7.36 -3.04 -9.89
CA SER B 237 -8.15 -2.07 -10.61
CA SER B 237 -8.21 -2.10 -10.63
C SER B 237 -7.65 -1.95 -12.05
C SER B 237 -7.65 -1.84 -12.04
N SER B 238 -6.33 -1.96 -12.23
N SER B 238 -6.35 -2.03 -12.24
CA SER B 238 -5.76 -1.87 -13.56
CA SER B 238 -5.78 -1.87 -13.57
C SER B 238 -6.10 -3.09 -14.42
C SER B 238 -6.07 -3.10 -14.43
N LEU B 239 -6.19 -4.25 -13.78
CA LEU B 239 -6.61 -5.47 -14.49
C LEU B 239 -8.06 -5.29 -14.96
N TYR B 240 -8.92 -4.85 -14.03
CA TYR B 240 -10.30 -4.54 -14.35
C TYR B 240 -10.41 -3.58 -15.55
N ASP B 241 -9.58 -2.55 -15.56
CA ASP B 241 -9.60 -1.55 -16.64
C ASP B 241 -9.30 -2.15 -18.01
N ALA B 242 -8.50 -3.20 -18.03
CA ALA B 242 -8.10 -3.83 -19.29
C ALA B 242 -9.08 -4.91 -19.72
N MET B 243 -10.14 -5.12 -18.96
CA MET B 243 -11.08 -6.19 -19.27
C MET B 243 -12.51 -5.69 -19.48
N PRO B 244 -12.79 -5.17 -20.69
CA PRO B 244 -14.12 -4.66 -21.06
C PRO B 244 -15.19 -5.75 -21.05
#